data_6UER
#
_entry.id   6UER
#
_cell.length_a   88.879
_cell.length_b   91.228
_cell.length_c   97.580
_cell.angle_alpha   90.000
_cell.angle_beta   90.000
_cell.angle_gamma   90.000
#
_symmetry.space_group_name_H-M   'P 21 21 21'
#
loop_
_entity.id
_entity.type
_entity.pdbx_description
1 polymer 'TATA-box-binding protein 1'
2 polymer "DNA (5'-D(*GP*CP*TP*AP*TP*AP*AP*AP*CP*GP*GP*GP*CP*A)-3')"
3 polymer "DNA (5'-D(*TP*GP*CP*CP*CP*CP*TP*TP*TP*AP*TP*AP*GP*C)-3')"
4 water water
#
loop_
_entity_poly.entity_id
_entity_poly.type
_entity_poly.pdbx_seq_one_letter_code
_entity_poly.pdbx_strand_id
1 'polypeptide(L)'
;MSSHHHHHHSSGLVPRGSHMTDQGLEGSNPVDLSKHPSGIVPTLQNIVSTVNLDCKLDLKAIALQARNAEYNPKRFAAVI
MRIREPKTTALIFASGKMVCTGAKSEDFSKMAARKYARIVQKLGFPAKFKDFKIQNIVGSCDVKFPIRLEGLAYSHAAFS
SYEPELFPGLIYRMKVPKIVLLIFVSGKIVITGAKMRDETYKAFENIYPVLSEFRKIQQ
;
A,B
2 'polydeoxyribonucleotide' (DG)(DC)(DT)(DA)(DT)(DA)(DA)(DA)(DC)(DG)(DG)(DG)(DC)(DA) C,E
3 'polydeoxyribonucleotide' (DT)(DG)(DC)(DC)(DC)(DC)(DT)(DT)(DT)(DA)(DT)(DA)(DG)(DC) D,F
#
# COMPACT_ATOMS: atom_id res chain seq x y z
N VAL A 31 -26.38 14.90 -30.62
CA VAL A 31 -25.32 13.99 -31.04
C VAL A 31 -24.52 14.58 -32.20
N ASP A 32 -23.58 15.48 -31.85
CA ASP A 32 -22.81 16.22 -32.84
C ASP A 32 -22.01 15.29 -33.75
N LEU A 33 -22.45 15.14 -34.99
CA LEU A 33 -21.85 14.19 -35.92
C LEU A 33 -20.48 14.64 -36.39
N SER A 34 -20.27 15.95 -36.54
CA SER A 34 -19.00 16.45 -37.08
C SER A 34 -17.84 16.07 -36.17
N LYS A 35 -17.90 16.51 -34.91
CA LYS A 35 -16.82 16.19 -33.98
C LYS A 35 -16.78 14.72 -33.60
N HIS A 36 -17.91 14.01 -33.64
CA HIS A 36 -17.98 12.58 -33.34
C HIS A 36 -18.83 11.83 -34.36
N PRO A 37 -18.25 11.44 -35.51
CA PRO A 37 -19.01 10.64 -36.49
C PRO A 37 -19.51 9.29 -35.99
N SER A 38 -18.93 8.73 -34.93
CA SER A 38 -19.41 7.46 -34.41
C SER A 38 -20.82 7.58 -33.81
N GLY A 39 -21.19 8.79 -33.35
CA GLY A 39 -22.41 8.97 -32.59
C GLY A 39 -22.29 8.64 -31.12
N ILE A 40 -21.10 8.25 -30.66
CA ILE A 40 -20.85 7.96 -29.25
C ILE A 40 -19.80 8.95 -28.75
N VAL A 41 -20.07 9.58 -27.62
CA VAL A 41 -19.14 10.49 -26.97
C VAL A 41 -18.61 9.83 -25.72
N PRO A 42 -17.30 9.73 -25.54
CA PRO A 42 -16.76 9.20 -24.27
C PRO A 42 -17.13 10.12 -23.12
N THR A 43 -17.46 9.51 -21.98
CA THR A 43 -17.77 10.24 -20.77
C THR A 43 -16.53 10.33 -19.90
N LEU A 44 -16.19 11.55 -19.46
CA LEU A 44 -14.99 11.74 -18.66
C LEU A 44 -15.18 11.16 -17.27
N GLN A 45 -14.13 10.50 -16.76
CA GLN A 45 -14.24 9.75 -15.52
C GLN A 45 -13.28 10.20 -14.42
N ASN A 46 -12.21 10.92 -14.76
CA ASN A 46 -11.26 11.34 -13.74
C ASN A 46 -10.38 12.45 -14.30
N ILE A 47 -10.27 13.54 -13.55
CA ILE A 47 -9.40 14.66 -13.92
C ILE A 47 -8.28 14.74 -12.89
N VAL A 48 -7.05 14.84 -13.36
CA VAL A 48 -5.90 15.10 -12.50
C VAL A 48 -5.39 16.48 -12.85
N SER A 49 -5.53 17.41 -11.91
CA SER A 49 -5.03 18.76 -12.05
C SER A 49 -4.10 19.08 -10.90
N THR A 50 -3.24 20.07 -11.11
CA THR A 50 -2.33 20.54 -10.08
C THR A 50 -2.38 22.06 -10.00
N VAL A 51 -1.91 22.59 -8.87
CA VAL A 51 -1.94 24.02 -8.60
C VAL A 51 -0.81 24.34 -7.64
N ASN A 52 -0.33 25.58 -7.71
CA ASN A 52 0.76 26.08 -6.87
C ASN A 52 0.17 27.10 -5.91
N LEU A 53 0.06 26.73 -4.64
CA LEU A 53 -0.42 27.66 -3.62
C LEU A 53 0.63 28.70 -3.23
N ASP A 54 1.90 28.46 -3.61
CA ASP A 54 2.98 29.44 -3.56
C ASP A 54 3.29 29.90 -2.14
N CYS A 55 3.19 29.00 -1.17
CA CYS A 55 3.62 29.29 0.19
C CYS A 55 3.95 27.97 0.87
N LYS A 56 4.85 28.02 1.83
CA LYS A 56 5.32 26.82 2.51
C LYS A 56 4.37 26.47 3.64
N LEU A 57 4.00 25.20 3.73
CA LEU A 57 2.90 24.76 4.59
C LEU A 57 3.40 23.81 5.68
N ASP A 58 2.85 23.98 6.88
CA ASP A 58 3.06 23.05 7.98
C ASP A 58 2.08 21.90 7.80
N LEU A 59 2.56 20.78 7.25
CA LEU A 59 1.68 19.66 6.97
C LEU A 59 1.13 19.05 8.26
N LYS A 60 1.93 19.00 9.31
CA LYS A 60 1.47 18.42 10.57
C LYS A 60 0.38 19.29 11.20
N ALA A 61 0.56 20.61 11.18
CA ALA A 61 -0.46 21.51 11.73
C ALA A 61 -1.74 21.43 10.92
N ILE A 62 -1.63 21.39 9.59
CA ILE A 62 -2.82 21.22 8.75
C ILE A 62 -3.53 19.92 9.09
N ALA A 63 -2.76 18.86 9.37
CA ALA A 63 -3.36 17.56 9.65
C ALA A 63 -4.13 17.57 10.97
N LEU A 64 -3.57 18.20 12.00
CA LEU A 64 -4.25 18.25 13.29
C LEU A 64 -5.53 19.06 13.21
N GLN A 65 -5.47 20.22 12.58
CA GLN A 65 -6.61 21.13 12.60
C GLN A 65 -7.71 20.75 11.61
N ALA A 66 -7.47 19.81 10.71
CA ALA A 66 -8.45 19.41 9.71
C ALA A 66 -9.01 18.03 10.03
N ARG A 67 -10.32 17.87 9.84
CA ARG A 67 -10.99 16.59 10.09
C ARG A 67 -10.92 15.65 8.91
N ASN A 68 -10.91 16.19 7.68
CA ASN A 68 -10.89 15.38 6.47
C ASN A 68 -9.48 15.16 5.93
N ALA A 69 -8.46 15.31 6.78
CA ALA A 69 -7.08 15.25 6.34
C ALA A 69 -6.35 14.12 7.06
N GLU A 70 -5.73 13.24 6.29
CA GLU A 70 -4.85 12.20 6.80
C GLU A 70 -3.40 12.55 6.48
N TYR A 71 -2.47 12.07 7.29
CA TYR A 71 -1.06 12.40 7.12
C TYR A 71 -0.20 11.37 7.86
N ASN A 72 0.59 10.61 7.11
CA ASN A 72 1.62 9.73 7.65
C ASN A 72 2.87 10.01 6.82
N PRO A 73 3.79 10.84 7.32
CA PRO A 73 4.96 11.21 6.49
C PRO A 73 5.92 10.08 6.25
N LYS A 74 5.85 8.99 7.02
CA LYS A 74 6.74 7.87 6.81
C LYS A 74 6.25 6.91 5.72
N ARG A 75 5.11 7.21 5.10
CA ARG A 75 4.59 6.50 3.94
C ARG A 75 4.51 7.38 2.70
N PHE A 76 4.29 8.69 2.88
CA PHE A 76 4.03 9.61 1.79
C PHE A 76 4.07 11.04 2.32
N ALA A 77 4.77 11.94 1.61
CA ALA A 77 5.05 13.28 2.11
C ALA A 77 3.94 14.28 1.80
N ALA A 78 2.68 13.83 1.81
CA ALA A 78 1.56 14.69 1.46
C ALA A 78 0.44 14.54 2.48
N VAL A 79 -0.24 15.65 2.75
CA VAL A 79 -1.50 15.61 3.48
C VAL A 79 -2.60 15.26 2.49
N ILE A 80 -3.33 14.18 2.77
CA ILE A 80 -4.39 13.71 1.91
C ILE A 80 -5.71 14.27 2.46
N MET A 81 -6.33 15.17 1.70
CA MET A 81 -7.57 15.81 2.09
C MET A 81 -8.67 15.43 1.11
N ARG A 82 -9.88 15.19 1.64
CA ARG A 82 -11.01 14.75 0.82
C ARG A 82 -12.23 15.61 1.13
N ILE A 83 -12.91 16.04 0.06
CA ILE A 83 -14.18 16.74 0.17
C ILE A 83 -15.22 15.96 -0.61
N ARG A 84 -16.50 16.14 -0.25
CA ARG A 84 -17.57 15.34 -0.82
C ARG A 84 -18.25 16.00 -2.02
N GLU A 85 -18.31 17.32 -2.07
CA GLU A 85 -18.96 18.02 -3.17
C GLU A 85 -18.07 19.17 -3.65
N PRO A 86 -17.37 19.00 -4.78
CA PRO A 86 -17.36 17.79 -5.60
C PRO A 86 -16.42 16.74 -5.00
N LYS A 87 -16.82 15.47 -5.04
CA LYS A 87 -16.02 14.45 -4.37
C LYS A 87 -14.68 14.32 -5.06
N THR A 88 -13.63 14.80 -4.41
CA THR A 88 -12.28 14.80 -4.93
C THR A 88 -11.32 14.52 -3.79
N THR A 89 -10.06 14.29 -4.13
CA THR A 89 -9.01 14.11 -3.14
C THR A 89 -7.85 15.02 -3.50
N ALA A 90 -7.35 15.74 -2.50
CA ALA A 90 -6.21 16.62 -2.69
C ALA A 90 -5.01 16.05 -1.96
N LEU A 91 -3.86 16.10 -2.62
CA LEU A 91 -2.57 15.80 -2.00
C LEU A 91 -1.82 17.13 -1.88
N ILE A 92 -1.61 17.58 -0.65
CA ILE A 92 -1.03 18.89 -0.38
C ILE A 92 0.36 18.68 0.22
N PHE A 93 1.32 19.43 -0.28
CA PHE A 93 2.73 19.22 0.06
C PHE A 93 3.31 20.46 0.73
N ALA A 94 4.37 20.24 1.51
CA ALA A 94 5.01 21.33 2.24
C ALA A 94 5.59 22.38 1.30
N SER A 95 5.88 22.03 0.05
CA SER A 95 6.35 23.01 -0.92
C SER A 95 5.26 23.97 -1.35
N GLY A 96 4.00 23.72 -0.99
CA GLY A 96 2.89 24.51 -1.45
C GLY A 96 2.26 24.02 -2.73
N LYS A 97 2.72 22.89 -3.27
CA LYS A 97 2.13 22.31 -4.46
C LYS A 97 0.98 21.39 -4.06
N MET A 98 -0.07 21.40 -4.88
CA MET A 98 -1.25 20.59 -4.64
C MET A 98 -1.65 19.90 -5.93
N VAL A 99 -2.03 18.63 -5.82
CA VAL A 99 -2.63 17.90 -6.93
C VAL A 99 -4.05 17.53 -6.53
N CYS A 100 -5.00 17.82 -7.41
CA CYS A 100 -6.40 17.54 -7.18
C CYS A 100 -6.83 16.36 -8.05
N THR A 101 -7.62 15.46 -7.48
CA THR A 101 -7.90 14.20 -8.14
C THR A 101 -9.31 13.74 -7.82
N GLY A 102 -9.99 13.17 -8.82
CA GLY A 102 -11.26 12.51 -8.63
C GLY A 102 -12.43 13.19 -9.31
N ALA A 103 -12.29 14.44 -9.72
CA ALA A 103 -13.37 15.14 -10.40
C ALA A 103 -13.64 14.51 -11.77
N LYS A 104 -14.86 14.71 -12.25
CA LYS A 104 -15.29 14.17 -13.54
C LYS A 104 -15.49 15.26 -14.59
N SER A 105 -15.01 16.46 -14.33
CA SER A 105 -14.97 17.52 -15.33
C SER A 105 -13.83 18.47 -14.97
N GLU A 106 -13.30 19.14 -15.99
CA GLU A 106 -12.21 20.08 -15.75
C GLU A 106 -12.67 21.27 -14.92
N ASP A 107 -13.90 21.73 -15.14
CA ASP A 107 -14.46 22.80 -14.32
C ASP A 107 -14.58 22.36 -12.87
N PHE A 108 -15.12 21.16 -12.64
CA PHE A 108 -15.21 20.64 -11.28
C PHE A 108 -13.84 20.44 -10.64
N SER A 109 -12.82 20.17 -11.45
CA SER A 109 -11.47 20.07 -10.90
C SER A 109 -10.98 21.41 -10.40
N LYS A 110 -11.16 22.47 -11.21
CA LYS A 110 -10.77 23.80 -10.77
C LYS A 110 -11.64 24.26 -9.61
N MET A 111 -12.94 23.96 -9.66
CA MET A 111 -13.83 24.33 -8.56
C MET A 111 -13.41 23.66 -7.27
N ALA A 112 -13.06 22.37 -7.33
CA ALA A 112 -12.60 21.67 -6.14
C ALA A 112 -11.26 22.21 -5.67
N ALA A 113 -10.33 22.42 -6.60
CA ALA A 113 -9.01 22.95 -6.25
C ALA A 113 -9.13 24.30 -5.54
N ARG A 114 -10.10 25.12 -5.93
CA ARG A 114 -10.32 26.38 -5.23
C ARG A 114 -10.79 26.15 -3.81
N LYS A 115 -11.70 25.21 -3.60
CA LYS A 115 -12.21 24.96 -2.26
C LYS A 115 -11.11 24.47 -1.33
N TYR A 116 -10.18 23.66 -1.85
CA TYR A 116 -9.04 23.25 -1.05
C TYR A 116 -8.16 24.44 -0.69
N ALA A 117 -7.92 25.34 -1.65
CA ALA A 117 -7.07 26.49 -1.40
C ALA A 117 -7.70 27.46 -0.41
N ARG A 118 -9.04 27.52 -0.36
CA ARG A 118 -9.68 28.34 0.66
C ARG A 118 -9.60 27.70 2.04
N ILE A 119 -9.66 26.37 2.09
CA ILE A 119 -9.47 25.66 3.34
C ILE A 119 -8.14 26.06 3.98
N VAL A 120 -7.02 25.81 3.28
CA VAL A 120 -5.70 26.12 3.84
C VAL A 120 -5.58 27.61 4.19
N GLN A 121 -6.25 28.49 3.44
CA GLN A 121 -6.22 29.91 3.77
C GLN A 121 -6.85 30.16 5.13
N LYS A 122 -8.01 29.54 5.38
CA LYS A 122 -8.70 29.71 6.64
C LYS A 122 -7.98 29.03 7.80
N LEU A 123 -7.18 28.01 7.54
CA LEU A 123 -6.36 27.43 8.59
C LEU A 123 -5.07 28.21 8.87
N GLY A 124 -4.91 29.39 8.29
CA GLY A 124 -3.83 30.28 8.66
C GLY A 124 -2.62 30.31 7.76
N PHE A 125 -2.78 30.03 6.46
CA PHE A 125 -1.66 30.04 5.53
C PHE A 125 -1.95 30.95 4.34
N PRO A 126 -0.97 31.78 3.94
CA PRO A 126 -1.18 32.74 2.83
C PRO A 126 -1.15 32.07 1.46
N ALA A 127 -2.18 31.27 1.20
CA ALA A 127 -2.25 30.49 -0.02
C ALA A 127 -2.56 31.38 -1.23
N LYS A 128 -2.02 30.99 -2.37
CA LYS A 128 -2.34 31.60 -3.66
C LYS A 128 -2.91 30.53 -4.57
N PHE A 129 -3.18 30.91 -5.83
CA PHE A 129 -3.76 29.98 -6.81
C PHE A 129 -3.03 30.22 -8.14
N LYS A 130 -1.81 29.69 -8.23
CA LYS A 130 -0.93 29.97 -9.34
C LYS A 130 -0.76 28.73 -10.22
N ASP A 131 -0.84 28.94 -11.53
CA ASP A 131 -0.57 27.92 -12.54
C ASP A 131 -1.43 26.67 -12.36
N PHE A 132 -2.74 26.87 -12.35
CA PHE A 132 -3.64 25.74 -12.39
C PHE A 132 -3.62 25.11 -13.77
N LYS A 133 -3.41 23.79 -13.81
CA LYS A 133 -3.28 23.09 -15.07
C LYS A 133 -3.91 21.71 -14.92
N ILE A 134 -4.82 21.38 -15.84
CA ILE A 134 -5.22 19.99 -16.00
C ILE A 134 -3.96 19.20 -16.35
N GLN A 135 -3.85 17.99 -15.83
CA GLN A 135 -2.66 17.21 -16.17
C GLN A 135 -2.99 15.90 -16.86
N ASN A 136 -4.15 15.31 -16.57
CA ASN A 136 -4.51 14.03 -17.14
C ASN A 136 -6.01 13.87 -17.07
N ILE A 137 -6.60 13.40 -18.16
CA ILE A 137 -8.04 13.16 -18.23
C ILE A 137 -8.24 11.68 -18.55
N VAL A 138 -9.18 11.06 -17.83
CA VAL A 138 -9.54 9.66 -18.05
C VAL A 138 -10.98 9.62 -18.52
N GLY A 139 -11.22 8.93 -19.64
CA GLY A 139 -12.55 8.76 -20.17
C GLY A 139 -12.85 7.29 -20.44
N SER A 140 -14.10 7.04 -20.85
CA SER A 140 -14.55 5.69 -21.14
C SER A 140 -15.86 5.76 -21.91
N CYS A 141 -16.17 4.68 -22.63
CA CYS A 141 -17.41 4.57 -23.39
C CYS A 141 -17.59 3.11 -23.81
N ASP A 142 -18.77 3.07 -24.50
CA ASP A 142 -19.12 1.75 -24.97
C ASP A 142 -19.47 1.82 -26.44
N VAL A 143 -18.92 0.88 -27.23
CA VAL A 143 -19.22 0.80 -28.66
C VAL A 143 -20.19 -0.33 -28.97
N LYS A 144 -20.86 -0.88 -27.95
CA LYS A 144 -22.03 -1.75 -28.09
C LYS A 144 -21.71 -3.15 -28.60
N PHE A 145 -20.65 -3.31 -29.41
CA PHE A 145 -20.43 -4.65 -29.94
C PHE A 145 -19.25 -5.33 -29.26
N PRO A 146 -19.27 -6.72 -28.91
CA PRO A 146 -18.08 -7.43 -28.42
C PRO A 146 -16.94 -7.35 -29.40
N ILE A 147 -15.71 -7.46 -28.89
CA ILE A 147 -14.51 -7.27 -29.69
C ILE A 147 -13.66 -8.52 -29.62
N ARG A 148 -13.25 -9.02 -30.78
CA ARG A 148 -12.28 -10.11 -30.89
C ARG A 148 -10.89 -9.55 -30.59
N LEU A 149 -10.44 -9.70 -29.35
CA LEU A 149 -9.19 -9.07 -28.92
C LEU A 149 -7.98 -9.72 -29.59
N GLU A 150 -8.00 -11.05 -29.75
CA GLU A 150 -6.86 -11.73 -30.35
C GLU A 150 -6.66 -11.32 -31.81
N GLY A 151 -7.75 -11.04 -32.53
CA GLY A 151 -7.62 -10.58 -33.89
C GLY A 151 -7.02 -9.20 -34.00
N LEU A 152 -7.32 -8.32 -33.04
CA LEU A 152 -6.75 -6.98 -33.07
C LEU A 152 -5.32 -6.96 -32.53
N ALA A 153 -5.02 -7.81 -31.55
CA ALA A 153 -3.66 -7.87 -31.03
C ALA A 153 -2.68 -8.36 -32.06
N TYR A 154 -3.14 -9.16 -33.03
CA TYR A 154 -2.27 -9.68 -34.09
C TYR A 154 -2.05 -8.64 -35.17
N SER A 155 -3.13 -8.16 -35.80
CA SER A 155 -3.01 -7.21 -36.89
C SER A 155 -2.65 -5.80 -36.43
N HIS A 156 -2.51 -5.58 -35.13
CA HIS A 156 -2.03 -4.31 -34.58
C HIS A 156 -0.98 -4.58 -33.51
N ALA A 157 -0.10 -5.55 -33.77
CA ALA A 157 0.87 -5.97 -32.76
C ALA A 157 1.85 -4.85 -32.43
N ALA A 158 2.07 -3.92 -33.35
CA ALA A 158 3.01 -2.84 -33.10
C ALA A 158 2.56 -1.96 -31.94
N PHE A 159 1.24 -1.75 -31.80
CA PHE A 159 0.71 -0.89 -30.76
C PHE A 159 0.03 -1.65 -29.62
N SER A 160 -0.32 -2.91 -29.82
CA SER A 160 -1.13 -3.65 -28.86
C SER A 160 -0.24 -4.51 -27.97
N SER A 161 -0.72 -4.75 -26.75
CA SER A 161 -0.09 -5.66 -25.81
C SER A 161 -1.22 -6.38 -25.07
N TYR A 162 -1.37 -7.68 -25.33
CA TYR A 162 -2.53 -8.44 -24.85
C TYR A 162 -2.04 -9.76 -24.26
N GLU A 163 -1.95 -9.82 -22.93
CA GLU A 163 -1.63 -11.04 -22.19
C GLU A 163 -2.80 -11.32 -21.25
N PRO A 164 -3.83 -12.04 -21.71
CA PRO A 164 -5.08 -12.13 -20.94
C PRO A 164 -4.94 -12.85 -19.61
N GLU A 165 -3.98 -13.76 -19.45
CA GLU A 165 -3.81 -14.41 -18.15
C GLU A 165 -3.29 -13.44 -17.10
N LEU A 166 -2.74 -12.31 -17.51
CA LEU A 166 -2.28 -11.27 -16.59
C LEU A 166 -3.36 -10.20 -16.36
N PHE A 167 -3.96 -9.70 -17.43
CA PHE A 167 -4.93 -8.63 -17.38
C PHE A 167 -5.86 -8.83 -18.57
N PRO A 168 -7.18 -8.81 -18.36
CA PRO A 168 -8.10 -9.24 -19.42
C PRO A 168 -8.28 -8.25 -20.57
N GLY A 169 -7.75 -7.03 -20.47
CA GLY A 169 -7.83 -6.08 -21.54
C GLY A 169 -6.51 -5.97 -22.28
N LEU A 170 -6.58 -5.55 -23.54
CA LEU A 170 -5.38 -5.33 -24.33
C LEU A 170 -5.01 -3.85 -24.28
N ILE A 171 -3.73 -3.59 -24.00
CA ILE A 171 -3.23 -2.23 -23.87
C ILE A 171 -2.85 -1.73 -25.27
N TYR A 172 -3.57 -0.71 -25.75
CA TYR A 172 -3.33 -0.13 -27.06
C TYR A 172 -2.68 1.23 -26.89
N ARG A 173 -1.46 1.38 -27.42
CA ARG A 173 -0.70 2.61 -27.27
C ARG A 173 -0.77 3.40 -28.57
N MET A 174 -1.77 4.26 -28.67
CA MET A 174 -1.89 5.17 -29.80
C MET A 174 -0.81 6.24 -29.72
N LYS A 175 -0.29 6.65 -30.89
CA LYS A 175 0.80 7.62 -30.90
C LYS A 175 0.35 9.04 -31.22
N VAL A 176 -0.66 9.22 -32.06
CA VAL A 176 -1.19 10.57 -32.30
C VAL A 176 -2.71 10.54 -32.18
N PRO A 177 -3.28 11.09 -31.11
CA PRO A 177 -2.54 11.65 -29.97
C PRO A 177 -1.96 10.56 -29.06
N LYS A 178 -0.93 10.91 -28.27
CA LYS A 178 -0.23 9.95 -27.42
C LYS A 178 -1.16 9.53 -26.29
N ILE A 179 -2.04 8.58 -26.60
CA ILE A 179 -3.11 8.14 -25.72
C ILE A 179 -3.03 6.62 -25.56
N VAL A 180 -3.26 6.14 -24.35
CA VAL A 180 -3.32 4.71 -24.06
C VAL A 180 -4.79 4.31 -23.95
N LEU A 181 -5.16 3.23 -24.62
CA LEU A 181 -6.52 2.72 -24.59
C LEU A 181 -6.53 1.32 -24.00
N LEU A 182 -7.48 1.07 -23.10
CA LEU A 182 -7.70 -0.26 -22.54
C LEU A 182 -8.95 -0.82 -23.22
N ILE A 183 -8.75 -1.82 -24.07
CA ILE A 183 -9.82 -2.38 -24.90
C ILE A 183 -10.20 -3.74 -24.34
N PHE A 184 -11.48 -3.91 -24.04
CA PHE A 184 -11.98 -5.13 -23.42
C PHE A 184 -12.92 -5.87 -24.35
N VAL A 185 -13.10 -7.18 -24.08
CA VAL A 185 -13.95 -8.02 -24.92
C VAL A 185 -15.37 -7.48 -24.95
N SER A 186 -15.87 -7.00 -23.81
CA SER A 186 -17.26 -6.55 -23.71
C SER A 186 -17.60 -5.43 -24.67
N GLY A 187 -16.60 -4.70 -25.15
CA GLY A 187 -16.83 -3.51 -25.93
C GLY A 187 -16.63 -2.21 -25.19
N LYS A 188 -16.35 -2.27 -23.89
CA LYS A 188 -16.03 -1.08 -23.11
C LYS A 188 -14.55 -0.77 -23.25
N ILE A 189 -14.22 0.52 -23.31
CA ILE A 189 -12.85 0.96 -23.46
C ILE A 189 -12.57 2.09 -22.47
N VAL A 190 -11.32 2.13 -21.99
CA VAL A 190 -10.81 3.21 -21.17
C VAL A 190 -9.81 4.01 -22.00
N ILE A 191 -9.93 5.33 -21.95
CA ILE A 191 -9.08 6.23 -22.72
C ILE A 191 -8.36 7.13 -21.73
N THR A 192 -7.04 7.06 -21.71
CA THR A 192 -6.26 7.71 -20.67
C THR A 192 -5.10 8.48 -21.29
N GLY A 193 -4.47 9.32 -20.47
CA GLY A 193 -3.30 10.05 -20.89
C GLY A 193 -3.54 11.37 -21.58
N ALA A 194 -4.80 11.73 -21.85
CA ALA A 194 -5.08 12.97 -22.54
C ALA A 194 -4.95 14.16 -21.59
N LYS A 195 -4.47 15.28 -22.12
CA LYS A 195 -4.44 16.53 -21.40
C LYS A 195 -5.70 17.36 -21.69
N MET A 196 -6.19 17.37 -22.94
CA MET A 196 -7.43 18.02 -23.29
C MET A 196 -8.46 16.99 -23.73
N ARG A 197 -9.74 17.28 -23.49
CA ARG A 197 -10.82 16.34 -23.80
C ARG A 197 -10.93 16.06 -25.30
N ASP A 198 -10.50 17.02 -26.13
CA ASP A 198 -10.47 16.76 -27.56
C ASP A 198 -9.49 15.66 -27.93
N GLU A 199 -8.40 15.52 -27.16
CA GLU A 199 -7.51 14.38 -27.37
C GLU A 199 -8.22 13.07 -27.03
N THR A 200 -9.03 13.07 -25.98
CA THR A 200 -9.83 11.90 -25.66
C THR A 200 -10.83 11.59 -26.77
N TYR A 201 -11.48 12.64 -27.30
CA TYR A 201 -12.45 12.44 -28.36
C TYR A 201 -11.78 12.00 -29.66
N LYS A 202 -10.63 12.60 -29.98
CA LYS A 202 -9.91 12.21 -31.19
C LYS A 202 -9.38 10.79 -31.08
N ALA A 203 -8.92 10.39 -29.90
CA ALA A 203 -8.38 9.05 -29.73
C ALA A 203 -9.47 7.99 -29.90
N PHE A 204 -10.67 8.23 -29.35
CA PHE A 204 -11.71 7.23 -29.42
C PHE A 204 -12.11 6.92 -30.86
N GLU A 205 -12.05 7.91 -31.73
CA GLU A 205 -12.54 7.75 -33.08
C GLU A 205 -11.44 7.45 -34.09
N ASN A 206 -10.17 7.53 -33.68
CA ASN A 206 -9.13 6.84 -34.41
C ASN A 206 -9.20 5.34 -34.19
N ILE A 207 -9.82 4.90 -33.09
CA ILE A 207 -9.89 3.47 -32.77
C ILE A 207 -11.24 2.85 -33.14
N TYR A 208 -12.30 3.65 -33.29
CA TYR A 208 -13.62 3.08 -33.56
C TYR A 208 -13.67 2.36 -34.90
N PRO A 209 -13.23 2.92 -36.03
CA PRO A 209 -13.22 2.13 -37.26
C PRO A 209 -12.29 0.93 -37.19
N VAL A 210 -11.29 0.95 -36.32
CA VAL A 210 -10.49 -0.25 -36.09
C VAL A 210 -11.33 -1.30 -35.38
N LEU A 211 -11.95 -0.93 -34.26
CA LEU A 211 -12.75 -1.87 -33.49
C LEU A 211 -13.90 -2.45 -34.30
N SER A 212 -14.36 -1.72 -35.33
CA SER A 212 -15.41 -2.24 -36.19
C SER A 212 -14.96 -3.45 -36.99
N GLU A 213 -13.68 -3.48 -37.39
CA GLU A 213 -13.16 -4.61 -38.12
C GLU A 213 -13.07 -5.88 -37.28
N PHE A 214 -13.23 -5.77 -35.96
CA PHE A 214 -13.07 -6.91 -35.07
C PHE A 214 -14.31 -7.16 -34.23
N ARG A 215 -15.49 -6.83 -34.77
CA ARG A 215 -16.74 -7.16 -34.12
C ARG A 215 -16.89 -8.67 -34.01
N LYS A 216 -16.81 -9.18 -32.79
CA LYS A 216 -16.90 -10.62 -32.56
C LYS A 216 -18.27 -11.14 -32.96
N ILE A 217 -18.30 -12.36 -33.50
CA ILE A 217 -19.54 -13.00 -33.93
C ILE A 217 -20.26 -13.64 -32.74
N VAL D 31 27.37 -16.39 30.25
CA VAL D 31 27.32 -17.20 29.04
C VAL D 31 26.97 -18.65 29.38
N ASP D 32 25.70 -19.00 29.27
CA ASP D 32 25.22 -20.36 29.51
C ASP D 32 25.14 -21.10 28.18
N LEU D 33 25.83 -22.23 28.11
CA LEU D 33 25.93 -23.02 26.88
C LEU D 33 25.04 -24.26 26.92
N SER D 34 24.30 -24.48 28.01
CA SER D 34 23.46 -25.67 28.12
C SER D 34 22.34 -25.63 27.09
N LYS D 35 21.51 -24.59 27.13
CA LYS D 35 20.47 -24.39 26.14
C LYS D 35 20.94 -23.62 24.92
N HIS D 36 22.06 -23.20 25.18
CA HIS D 36 22.71 -22.69 23.97
C HIS D 36 24.18 -23.11 23.89
N PRO D 37 24.46 -24.33 23.40
CA PRO D 37 25.87 -24.74 23.25
C PRO D 37 26.71 -23.87 22.30
N SER D 38 26.09 -23.11 21.40
CA SER D 38 26.86 -22.24 20.51
C SER D 38 27.54 -21.12 21.28
N GLY D 39 27.18 -20.54 22.28
CA GLY D 39 27.63 -19.26 22.80
C GLY D 39 26.93 -18.06 22.22
N ILE D 40 25.94 -18.24 21.36
CA ILE D 40 25.18 -17.13 20.78
C ILE D 40 23.74 -17.18 21.26
N VAL D 41 23.23 -16.02 21.66
CA VAL D 41 21.87 -15.87 22.15
C VAL D 41 21.11 -14.98 21.18
N PRO D 42 20.10 -15.50 20.47
CA PRO D 42 19.28 -14.65 19.61
C PRO D 42 18.54 -13.60 20.44
N THR D 43 18.59 -12.36 19.95
CA THR D 43 17.92 -11.24 20.61
C THR D 43 16.60 -10.97 19.91
N LEU D 44 15.51 -11.02 20.68
CA LEU D 44 14.18 -10.77 20.11
C LEU D 44 14.12 -9.37 19.51
N GLN D 45 13.39 -9.24 18.41
CA GLN D 45 13.29 -7.97 17.69
C GLN D 45 11.87 -7.52 17.41
N ASN D 46 10.89 -8.42 17.39
CA ASN D 46 9.51 -8.04 17.15
C ASN D 46 8.60 -9.12 17.71
N ILE D 47 7.60 -8.72 18.48
CA ILE D 47 6.59 -9.63 18.99
C ILE D 47 5.25 -9.20 18.43
N VAL D 48 4.48 -10.17 17.92
CA VAL D 48 3.13 -9.94 17.45
C VAL D 48 2.18 -10.65 18.40
N SER D 49 1.31 -9.87 19.04
CA SER D 49 0.36 -10.43 20.00
C SER D 49 -1.05 -9.96 19.66
N THR D 50 -2.03 -10.69 20.18
CA THR D 50 -3.44 -10.41 19.99
C THR D 50 -4.16 -10.51 21.33
N VAL D 51 -5.29 -9.80 21.43
CA VAL D 51 -6.17 -9.87 22.59
C VAL D 51 -7.56 -9.44 22.15
N ASN D 52 -8.57 -9.86 22.91
CA ASN D 52 -9.97 -9.58 22.62
C ASN D 52 -10.49 -8.56 23.63
N LEU D 53 -10.84 -7.36 23.14
CA LEU D 53 -11.42 -6.36 24.03
C LEU D 53 -12.88 -6.65 24.36
N ASP D 54 -13.51 -7.59 23.66
CA ASP D 54 -14.84 -8.12 23.99
C ASP D 54 -15.88 -7.01 24.07
N CYS D 55 -15.80 -6.04 23.16
CA CYS D 55 -16.80 -5.00 23.04
C CYS D 55 -16.67 -4.38 21.65
N LYS D 56 -17.80 -3.93 21.12
CA LYS D 56 -17.82 -3.40 19.76
C LYS D 56 -17.47 -1.92 19.77
N LEU D 57 -16.51 -1.54 18.93
CA LEU D 57 -16.02 -0.18 18.85
C LEU D 57 -16.43 0.45 17.52
N ASP D 58 -16.65 1.77 17.55
CA ASP D 58 -16.81 2.52 16.32
C ASP D 58 -15.52 3.29 16.06
N LEU D 59 -14.85 2.94 14.96
CA LEU D 59 -13.50 3.43 14.74
C LEU D 59 -13.48 4.87 14.28
N LYS D 60 -14.54 5.33 13.61
CA LYS D 60 -14.61 6.72 13.18
C LYS D 60 -14.45 7.68 14.36
N ALA D 61 -15.24 7.47 15.41
CA ALA D 61 -15.17 8.35 16.58
C ALA D 61 -13.84 8.19 17.30
N ILE D 62 -13.30 6.97 17.36
CA ILE D 62 -12.00 6.77 17.98
C ILE D 62 -10.92 7.52 17.21
N ALA D 63 -11.01 7.48 15.88
CA ALA D 63 -10.03 8.19 15.06
C ALA D 63 -10.08 9.69 15.28
N LEU D 64 -11.26 10.22 15.62
CA LEU D 64 -11.39 11.66 15.87
C LEU D 64 -10.81 12.05 17.22
N GLN D 65 -11.14 11.28 18.27
CA GLN D 65 -10.74 11.63 19.63
C GLN D 65 -9.29 11.31 19.95
N ALA D 66 -8.58 10.63 19.06
CA ALA D 66 -7.29 10.01 19.40
C ALA D 66 -6.12 10.89 18.97
N ARG D 67 -5.15 11.05 19.87
CA ARG D 67 -3.92 11.74 19.52
C ARG D 67 -3.13 10.96 18.48
N ASN D 68 -2.98 9.65 18.68
CA ASN D 68 -1.98 8.85 17.97
C ASN D 68 -2.58 7.82 17.03
N ALA D 69 -3.86 7.93 16.68
CA ALA D 69 -4.51 6.96 15.82
C ALA D 69 -4.73 7.52 14.43
N GLU D 70 -4.40 6.73 13.42
CA GLU D 70 -4.77 7.00 12.04
C GLU D 70 -5.75 5.93 11.58
N TYR D 71 -6.63 6.31 10.64
CA TYR D 71 -7.69 5.40 10.23
C TYR D 71 -8.11 5.76 8.81
N ASN D 72 -7.85 4.86 7.86
CA ASN D 72 -8.32 4.98 6.48
C ASN D 72 -9.10 3.72 6.15
N PRO D 73 -10.42 3.74 6.30
CA PRO D 73 -11.21 2.50 6.06
C PRO D 73 -11.20 2.06 4.61
N LYS D 74 -11.06 2.99 3.65
CA LYS D 74 -10.98 2.62 2.25
C LYS D 74 -9.77 1.74 1.97
N ARG D 75 -8.73 1.81 2.80
CA ARG D 75 -7.51 1.04 2.64
C ARG D 75 -7.43 -0.15 3.60
N PHE D 76 -7.84 0.03 4.84
CA PHE D 76 -7.66 -0.98 5.88
C PHE D 76 -8.73 -0.75 6.96
N ALA D 77 -9.32 -1.84 7.43
CA ALA D 77 -10.43 -1.76 8.37
C ALA D 77 -10.00 -1.54 9.81
N ALA D 78 -8.76 -1.12 10.04
CA ALA D 78 -8.23 -0.99 11.39
C ALA D 78 -7.91 0.46 11.71
N VAL D 79 -8.02 0.79 12.99
CA VAL D 79 -7.42 1.99 13.53
C VAL D 79 -5.97 1.65 13.89
N ILE D 80 -5.02 2.27 13.19
CA ILE D 80 -3.61 2.09 13.50
C ILE D 80 -3.24 3.13 14.54
N MET D 81 -2.72 2.67 15.69
CA MET D 81 -2.43 3.54 16.82
C MET D 81 -1.07 3.17 17.37
N ARG D 82 -0.25 4.17 17.65
CA ARG D 82 1.14 3.97 18.02
C ARG D 82 1.44 4.62 19.36
N ILE D 83 2.35 3.99 20.12
CA ILE D 83 2.84 4.53 21.38
C ILE D 83 4.36 4.60 21.31
N ARG D 84 4.94 5.41 22.19
CA ARG D 84 6.37 5.70 22.15
C ARG D 84 7.18 4.75 23.03
N GLU D 85 6.66 4.36 24.19
CA GLU D 85 7.29 3.31 24.97
C GLU D 85 6.25 2.56 25.79
N PRO D 86 6.05 1.34 25.61
CA PRO D 86 7.04 0.79 24.69
C PRO D 86 6.62 1.05 23.24
N LYS D 87 7.59 1.38 22.38
CA LYS D 87 7.23 1.76 21.02
C LYS D 87 6.62 0.57 20.30
N THR D 88 5.38 0.54 20.17
CA THR D 88 4.63 -0.49 19.49
C THR D 88 3.58 0.17 18.60
N THR D 89 2.87 -0.66 17.85
CA THR D 89 1.76 -0.25 17.00
C THR D 89 0.60 -1.20 17.25
N ALA D 90 -0.60 -0.66 17.41
CA ALA D 90 -1.79 -1.46 17.64
C ALA D 90 -2.72 -1.37 16.44
N LEU D 91 -3.32 -2.50 16.09
CA LEU D 91 -4.37 -2.58 15.08
C LEU D 91 -5.65 -2.86 15.84
N ILE D 92 -6.57 -1.90 15.85
CA ILE D 92 -7.81 -1.99 16.60
C ILE D 92 -8.96 -2.06 15.60
N PHE D 93 -9.85 -3.02 15.80
CA PHE D 93 -10.92 -3.29 14.84
C PHE D 93 -12.28 -3.13 15.51
N ALA D 94 -13.30 -2.92 14.68
CA ALA D 94 -14.65 -2.70 15.18
C ALA D 94 -15.15 -3.89 15.99
N SER D 95 -14.69 -5.10 15.68
CA SER D 95 -15.09 -6.30 16.41
C SER D 95 -14.57 -6.31 17.85
N GLY D 96 -13.63 -5.43 18.18
CA GLY D 96 -13.01 -5.44 19.48
C GLY D 96 -11.73 -6.26 19.56
N LYS D 97 -11.29 -6.86 18.47
CA LYS D 97 -10.01 -7.55 18.46
C LYS D 97 -8.89 -6.55 18.24
N MET D 98 -7.71 -6.91 18.74
CA MET D 98 -6.56 -6.02 18.67
C MET D 98 -5.30 -6.83 18.42
N VAL D 99 -4.46 -6.31 17.52
CA VAL D 99 -3.15 -6.88 17.24
C VAL D 99 -2.09 -5.89 17.71
N CYS D 100 -1.16 -6.36 18.54
CA CYS D 100 -0.08 -5.54 19.05
C CYS D 100 1.22 -5.96 18.39
N THR D 101 1.86 -5.01 17.70
CA THR D 101 3.08 -5.25 16.95
C THR D 101 4.21 -4.38 17.50
N GLY D 102 5.45 -4.83 17.27
CA GLY D 102 6.62 -4.00 17.48
C GLY D 102 7.32 -4.18 18.81
N ALA D 103 6.69 -4.83 19.78
CA ALA D 103 7.33 -5.03 21.07
C ALA D 103 8.56 -5.93 20.93
N LYS D 104 9.51 -5.76 21.84
CA LYS D 104 10.76 -6.52 21.81
C LYS D 104 10.82 -7.61 22.88
N SER D 105 9.68 -7.94 23.48
CA SER D 105 9.60 -9.04 24.45
C SER D 105 8.14 -9.36 24.68
N GLU D 106 7.89 -10.56 25.21
CA GLU D 106 6.52 -10.97 25.52
C GLU D 106 5.91 -10.06 26.57
N ASP D 107 6.67 -9.77 27.63
CA ASP D 107 6.17 -8.91 28.71
C ASP D 107 5.81 -7.52 28.19
N PHE D 108 6.74 -6.90 27.45
CA PHE D 108 6.48 -5.57 26.89
C PHE D 108 5.26 -5.57 25.99
N SER D 109 5.01 -6.68 25.29
CA SER D 109 3.83 -6.75 24.43
C SER D 109 2.56 -6.72 25.26
N LYS D 110 2.49 -7.55 26.30
CA LYS D 110 1.30 -7.58 27.15
C LYS D 110 1.08 -6.24 27.84
N MET D 111 2.17 -5.60 28.29
CA MET D 111 2.04 -4.29 28.93
C MET D 111 1.59 -3.24 27.92
N ALA D 112 2.18 -3.23 26.73
CA ALA D 112 1.73 -2.30 25.69
C ALA D 112 0.28 -2.59 25.30
N ALA D 113 -0.08 -3.87 25.21
CA ALA D 113 -1.45 -4.23 24.85
C ALA D 113 -2.43 -3.72 25.90
N ARG D 114 -2.08 -3.85 27.18
CA ARG D 114 -2.97 -3.35 28.23
C ARG D 114 -2.99 -1.84 28.28
N LYS D 115 -1.86 -1.19 27.95
CA LYS D 115 -1.87 0.26 27.80
C LYS D 115 -2.76 0.69 26.65
N TYR D 116 -2.73 -0.06 25.54
CA TYR D 116 -3.69 0.20 24.47
C TYR D 116 -5.12 -0.01 24.93
N ALA D 117 -5.33 -0.96 25.85
CA ALA D 117 -6.67 -1.18 26.39
C ALA D 117 -7.14 0.01 27.22
N ARG D 118 -6.24 0.57 28.04
CA ARG D 118 -6.59 1.73 28.86
C ARG D 118 -6.97 2.93 27.99
N ILE D 119 -6.34 3.09 26.83
CA ILE D 119 -6.65 4.22 25.97
C ILE D 119 -8.06 4.11 25.41
N VAL D 120 -8.50 2.88 25.09
CA VAL D 120 -9.84 2.72 24.52
C VAL D 120 -10.91 2.95 25.58
N GLN D 121 -10.69 2.47 26.81
CA GLN D 121 -11.69 2.68 27.85
C GLN D 121 -11.73 4.14 28.28
N LYS D 122 -10.58 4.81 28.29
CA LYS D 122 -10.56 6.24 28.58
C LYS D 122 -11.23 7.06 27.50
N LEU D 123 -11.62 6.44 26.39
CA LEU D 123 -12.44 7.08 25.37
C LEU D 123 -13.92 6.73 25.51
N GLY D 124 -14.27 5.94 26.53
CA GLY D 124 -15.65 5.59 26.78
C GLY D 124 -16.10 4.23 26.26
N PHE D 125 -15.17 3.30 26.03
CA PHE D 125 -15.52 1.99 25.50
C PHE D 125 -15.24 0.90 26.53
N PRO D 126 -16.20 0.03 26.83
CA PRO D 126 -16.05 -0.97 27.90
C PRO D 126 -15.18 -2.15 27.51
N ALA D 127 -13.87 -1.91 27.48
CA ALA D 127 -12.92 -2.91 27.02
C ALA D 127 -12.52 -3.83 28.16
N LYS D 128 -12.39 -5.11 27.85
CA LYS D 128 -11.82 -6.12 28.73
C LYS D 128 -10.57 -6.69 28.07
N PHE D 129 -10.00 -7.73 28.68
CA PHE D 129 -8.71 -8.29 28.27
C PHE D 129 -8.79 -9.81 28.21
N LYS D 130 -9.48 -10.33 27.20
CA LYS D 130 -9.72 -11.76 27.07
C LYS D 130 -8.83 -12.36 25.99
N ASP D 131 -8.23 -13.51 26.31
CA ASP D 131 -7.52 -14.35 25.35
C ASP D 131 -6.31 -13.64 24.74
N PHE D 132 -5.48 -13.07 25.62
CA PHE D 132 -4.20 -12.53 25.15
C PHE D 132 -3.25 -13.67 24.82
N LYS D 133 -2.62 -13.58 23.65
CA LYS D 133 -1.75 -14.66 23.19
C LYS D 133 -0.67 -14.10 22.27
N ILE D 134 0.58 -14.51 22.52
CA ILE D 134 1.67 -14.21 21.60
C ILE D 134 1.51 -15.06 20.34
N GLN D 135 1.46 -14.40 19.19
CA GLN D 135 1.24 -15.09 17.92
C GLN D 135 2.51 -15.30 17.12
N ASN D 136 3.52 -14.46 17.29
CA ASN D 136 4.74 -14.58 16.50
C ASN D 136 5.88 -13.87 17.20
N ILE D 137 7.08 -14.44 17.08
CA ILE D 137 8.30 -13.87 17.66
C ILE D 137 9.37 -13.83 16.57
N VAL D 138 10.00 -12.67 16.41
CA VAL D 138 11.05 -12.47 15.43
C VAL D 138 12.34 -12.18 16.18
N GLY D 139 13.36 -13.01 15.96
CA GLY D 139 14.66 -12.84 16.58
C GLY D 139 15.76 -12.74 15.55
N SER D 140 16.97 -12.43 16.02
CA SER D 140 18.13 -12.31 15.15
C SER D 140 19.39 -12.29 16.02
N CYS D 141 20.50 -12.68 15.40
CA CYS D 141 21.82 -12.56 16.01
C CYS D 141 22.85 -12.77 14.90
N ASP D 142 24.13 -12.76 15.30
CA ASP D 142 25.25 -12.84 14.37
C ASP D 142 26.18 -13.97 14.82
N VAL D 143 26.59 -14.80 13.86
CA VAL D 143 27.53 -15.88 14.13
C VAL D 143 28.94 -15.54 13.65
N LYS D 144 29.20 -14.27 13.33
CA LYS D 144 30.54 -13.71 13.11
C LYS D 144 31.21 -14.17 11.82
N PHE D 145 30.89 -15.36 11.31
CA PHE D 145 31.62 -15.77 10.11
C PHE D 145 30.74 -15.70 8.87
N PRO D 146 31.33 -15.50 7.69
CA PRO D 146 30.54 -15.57 6.46
C PRO D 146 30.15 -17.00 6.12
N ILE D 147 29.09 -17.12 5.34
CA ILE D 147 28.48 -18.41 5.02
C ILE D 147 28.34 -18.53 3.51
N ARG D 148 28.65 -19.72 2.98
CA ARG D 148 28.50 -20.02 1.56
C ARG D 148 27.04 -20.42 1.31
N LEU D 149 26.21 -19.42 0.99
CA LEU D 149 24.81 -19.69 0.70
C LEU D 149 24.62 -20.58 -0.52
N GLU D 150 25.63 -20.64 -1.40
CA GLU D 150 25.55 -21.52 -2.55
C GLU D 150 25.48 -22.99 -2.12
N GLY D 151 26.45 -23.43 -1.33
CA GLY D 151 26.49 -24.82 -0.88
C GLY D 151 25.37 -25.18 0.08
N LEU D 152 24.82 -24.19 0.79
CA LEU D 152 23.71 -24.47 1.70
C LEU D 152 22.43 -24.78 0.91
N ALA D 153 22.12 -23.94 -0.08
CA ALA D 153 20.99 -24.24 -0.95
C ALA D 153 21.19 -25.54 -1.71
N TYR D 154 22.44 -25.96 -1.88
CA TYR D 154 22.77 -27.24 -2.51
C TYR D 154 22.32 -28.40 -1.61
N SER D 155 22.96 -28.56 -0.46
CA SER D 155 22.74 -29.75 0.36
C SER D 155 21.36 -29.74 1.00
N HIS D 156 20.81 -28.56 1.30
CA HIS D 156 19.51 -28.45 1.94
C HIS D 156 18.47 -27.88 0.98
N ALA D 157 18.47 -28.36 -0.26
CA ALA D 157 17.51 -27.90 -1.25
C ALA D 157 16.07 -28.19 -0.85
N ALA D 158 15.85 -29.12 0.08
CA ALA D 158 14.49 -29.43 0.53
C ALA D 158 13.89 -28.26 1.29
N PHE D 159 14.71 -27.55 2.08
CA PHE D 159 14.22 -26.45 2.90
C PHE D 159 14.63 -25.07 2.38
N SER D 160 15.59 -24.99 1.47
CA SER D 160 16.19 -23.72 1.09
C SER D 160 15.58 -23.16 -0.19
N SER D 161 15.48 -21.84 -0.25
CA SER D 161 15.06 -21.12 -1.44
C SER D 161 16.01 -19.93 -1.60
N TYR D 162 17.02 -20.09 -2.46
CA TYR D 162 18.07 -19.08 -2.64
C TYR D 162 18.01 -18.54 -4.06
N GLU D 163 17.57 -17.29 -4.20
CA GLU D 163 17.50 -16.63 -5.49
C GLU D 163 17.98 -15.19 -5.27
N PRO D 164 19.29 -14.95 -5.39
CA PRO D 164 19.81 -13.59 -5.15
C PRO D 164 19.38 -12.59 -6.19
N GLU D 165 18.94 -13.01 -7.38
CA GLU D 165 18.42 -12.06 -8.35
C GLU D 165 17.16 -11.39 -7.82
N LEU D 166 16.42 -12.06 -6.94
CA LEU D 166 15.26 -11.47 -6.27
C LEU D 166 15.56 -10.94 -4.89
N PHE D 167 16.39 -11.63 -4.12
CA PHE D 167 16.60 -11.29 -2.72
C PHE D 167 17.93 -11.85 -2.24
N PRO D 168 18.78 -11.05 -1.60
CA PRO D 168 20.14 -11.50 -1.27
C PRO D 168 20.19 -12.56 -0.19
N GLY D 169 19.07 -12.93 0.42
CA GLY D 169 19.09 -13.92 1.49
C GLY D 169 18.60 -15.30 1.08
N LEU D 170 18.99 -16.31 1.85
CA LEU D 170 18.49 -17.67 1.70
C LEU D 170 17.34 -17.89 2.68
N ILE D 171 16.18 -18.26 2.16
CA ILE D 171 15.01 -18.53 2.98
C ILE D 171 14.97 -20.02 3.30
N TYR D 172 15.23 -20.36 4.57
CA TYR D 172 15.29 -21.73 5.04
C TYR D 172 14.02 -22.03 5.81
N ARG D 173 13.29 -23.05 5.36
CA ARG D 173 12.04 -23.44 6.03
C ARG D 173 12.32 -24.68 6.87
N MET D 174 12.80 -24.44 8.08
CA MET D 174 13.01 -25.53 9.03
C MET D 174 11.69 -26.14 9.44
N LYS D 175 11.64 -27.47 9.49
CA LYS D 175 10.41 -28.18 9.78
C LYS D 175 10.20 -28.41 11.28
N VAL D 176 11.27 -28.60 12.05
CA VAL D 176 11.12 -28.81 13.48
C VAL D 176 12.12 -27.92 14.22
N PRO D 177 11.64 -26.91 14.96
CA PRO D 177 10.23 -26.47 14.94
C PRO D 177 9.90 -25.75 13.65
N LYS D 178 8.61 -25.65 13.29
CA LYS D 178 8.22 -24.99 12.05
C LYS D 178 8.58 -23.51 12.10
N ILE D 179 9.77 -23.17 11.63
CA ILE D 179 10.31 -21.82 11.73
C ILE D 179 10.99 -21.46 10.41
N VAL D 180 10.87 -20.19 10.01
CA VAL D 180 11.55 -19.67 8.84
C VAL D 180 12.87 -19.06 9.26
N LEU D 181 13.91 -19.32 8.47
CA LEU D 181 15.24 -18.76 8.67
C LEU D 181 15.58 -17.88 7.47
N LEU D 182 16.09 -16.69 7.75
CA LEU D 182 16.66 -15.81 6.73
C LEU D 182 18.16 -15.72 6.98
N ILE D 183 18.94 -16.33 6.10
CA ILE D 183 20.38 -16.46 6.25
C ILE D 183 21.08 -15.64 5.18
N PHE D 184 22.13 -14.93 5.57
CA PHE D 184 22.81 -14.01 4.67
C PHE D 184 24.30 -14.31 4.69
N VAL D 185 24.97 -13.89 3.61
CA VAL D 185 26.41 -14.11 3.49
C VAL D 185 27.13 -13.52 4.69
N SER D 186 26.63 -12.40 5.22
CA SER D 186 27.31 -11.71 6.30
C SER D 186 27.40 -12.53 7.59
N GLY D 187 26.59 -13.58 7.72
CA GLY D 187 26.57 -14.38 8.92
C GLY D 187 25.49 -14.04 9.91
N LYS D 188 24.70 -13.00 9.65
CA LYS D 188 23.56 -12.67 10.50
C LYS D 188 22.33 -13.43 10.03
N ILE D 189 21.51 -13.84 10.97
CA ILE D 189 20.34 -14.67 10.69
C ILE D 189 19.09 -13.95 11.22
N VAL D 190 17.93 -14.42 10.77
CA VAL D 190 16.65 -13.97 11.32
C VAL D 190 15.79 -15.21 11.53
N ILE D 191 15.24 -15.34 12.73
CA ILE D 191 14.35 -16.44 13.07
C ILE D 191 12.96 -15.86 13.27
N THR D 192 12.02 -16.25 12.41
CA THR D 192 10.64 -15.79 12.52
C THR D 192 9.68 -16.96 12.40
N GLY D 193 8.53 -16.82 13.04
CA GLY D 193 7.52 -17.85 13.07
C GLY D 193 7.42 -18.60 14.38
N ALA D 194 8.04 -18.09 15.44
CA ALA D 194 8.02 -18.76 16.73
C ALA D 194 6.78 -18.38 17.52
N LYS D 195 6.18 -19.37 18.16
CA LYS D 195 5.07 -19.13 19.07
C LYS D 195 5.54 -18.85 20.48
N MET D 196 6.62 -19.48 20.91
CA MET D 196 7.23 -19.22 22.22
C MET D 196 8.72 -18.93 22.02
N ARG D 197 9.30 -18.27 23.02
CA ARG D 197 10.70 -17.87 22.91
C ARG D 197 11.62 -19.08 22.78
N ASP D 198 11.34 -20.15 23.52
CA ASP D 198 12.18 -21.34 23.47
C ASP D 198 12.11 -22.07 22.14
N GLU D 199 11.24 -21.66 21.22
CA GLU D 199 11.28 -22.18 19.86
C GLU D 199 12.30 -21.42 19.02
N THR D 200 12.39 -20.10 19.22
CA THR D 200 13.43 -19.30 18.58
C THR D 200 14.81 -19.82 18.94
N TYR D 201 15.06 -20.01 20.24
CA TYR D 201 16.39 -20.44 20.68
C TYR D 201 16.67 -21.88 20.25
N LYS D 202 15.64 -22.73 20.25
CA LYS D 202 15.82 -24.10 19.81
C LYS D 202 16.01 -24.18 18.29
N ALA D 203 15.42 -23.26 17.54
CA ALA D 203 15.60 -23.27 16.10
C ALA D 203 17.00 -22.81 15.69
N PHE D 204 17.58 -21.86 16.43
CA PHE D 204 18.91 -21.38 16.08
C PHE D 204 19.96 -22.46 16.30
N GLU D 205 19.86 -23.20 17.41
CA GLU D 205 20.81 -24.28 17.66
C GLU D 205 20.67 -25.43 16.69
N ASN D 206 19.52 -25.56 16.02
CA ASN D 206 19.32 -26.62 15.06
C ASN D 206 20.04 -26.36 13.74
N ILE D 207 20.48 -25.13 13.51
CA ILE D 207 21.15 -24.78 12.26
C ILE D 207 22.54 -24.22 12.49
N TYR D 208 22.93 -23.89 13.73
CA TYR D 208 24.30 -23.46 13.97
C TYR D 208 25.34 -24.46 13.46
N PRO D 209 25.20 -25.77 13.68
CA PRO D 209 26.17 -26.68 13.07
C PRO D 209 26.10 -26.69 11.55
N VAL D 210 24.93 -26.38 10.98
CA VAL D 210 24.81 -26.30 9.52
C VAL D 210 25.61 -25.11 9.00
N LEU D 211 25.49 -23.96 9.65
CA LEU D 211 26.23 -22.77 9.21
C LEU D 211 27.73 -22.96 9.38
N SER D 212 28.15 -23.67 10.43
CA SER D 212 29.58 -23.94 10.61
C SER D 212 30.14 -24.80 9.48
N GLU D 213 29.31 -25.68 8.91
CA GLU D 213 29.77 -26.51 7.81
C GLU D 213 30.05 -25.69 6.56
N PHE D 214 29.21 -24.70 6.29
CA PHE D 214 29.35 -23.85 5.11
C PHE D 214 30.01 -22.52 5.44
N ARG D 215 31.01 -22.55 6.31
CA ARG D 215 31.81 -21.36 6.59
C ARG D 215 32.64 -20.99 5.37
N LYS D 216 32.76 -19.69 5.11
CA LYS D 216 33.47 -19.19 3.93
C LYS D 216 34.91 -18.87 4.32
N ILE D 217 35.85 -19.63 3.77
CA ILE D 217 37.27 -19.36 3.99
C ILE D 217 37.97 -19.13 2.65
#